data_8SK5
#
_entry.id   8SK5
#
_cell.length_a   93.903
_cell.length_b   93.903
_cell.length_c   121.386
_cell.angle_alpha   90.000
_cell.angle_beta   90.000
_cell.angle_gamma   120.000
#
_symmetry.space_group_name_H-M   'P 32 2 1'
#
loop_
_entity.id
_entity.type
_entity.pdbx_description
1 polymer 'Spike protein S1'
2 polymer 'anti-SARS-CoV-2 receptor binding domain VHH'
3 branched 2-acetamido-2-deoxy-beta-D-glucopyranose-(1-4)-[alpha-L-fucopyranose-(1-6)]2-acetamido-2-deoxy-beta-D-glucopyranose
4 water water
#
loop_
_entity_poly.entity_id
_entity_poly.type
_entity_poly.pdbx_seq_one_letter_code
_entity_poly.pdbx_strand_id
1 'polypeptide(L)'
;RVQPTESIVRFPNITNLCPFGEVFNATRFASVYAWNRKRISNCVADYSVLYNSASFSTFKCYGVSPTKLNDLCFTNVYAD
SFVIRGDEVRQIAPGQTGKIADYNYKLPDDFTGCVIAWNSNNLDSKVGGNYNYLYRLFRKSNLKPFERDISTEIYQAGST
PCNGVEGFNCYFPLQSYGFQPTNGVGYQPYRVVVLSFELLHAPATVCGPKKSTNLVKNKCVNFSGHHHHHH
;
A
2 'polypeptide(L)'
;QVQLVESGGGLVQAGGSLRLSCSASGGTASRSAMGWFRQAPGKEREFVAGISRRNSGSTYVADSYEDSVKGRFTISRDNA
KNTIYLQMNSLKPEDTAVYYCAAEPTLGWYVPRRSVEYEYWGQGTQVTVSSAAADYKDHDGDYKDHDIDYKDDDDKGAAH
HHHHH
;
B
#
loop_
_chem_comp.id
_chem_comp.type
_chem_comp.name
_chem_comp.formula
FUC L-saccharide, alpha linking alpha-L-fucopyranose 'C6 H12 O5'
NAG D-saccharide, beta linking 2-acetamido-2-deoxy-beta-D-glucopyranose 'C8 H15 N O6'
#
# COMPACT_ATOMS: atom_id res chain seq x y z
N THR A 15 25.53 -0.11 -9.72
CA THR A 15 26.24 -1.38 -9.69
C THR A 15 25.48 -2.42 -8.85
N ASN A 16 24.95 -1.97 -7.71
CA ASN A 16 24.24 -2.87 -6.81
C ASN A 16 23.03 -3.48 -7.48
N LEU A 17 22.77 -4.75 -7.17
CA LEU A 17 21.67 -5.48 -7.78
C LEU A 17 20.35 -5.17 -7.08
N CYS A 18 19.27 -5.39 -7.80
CA CYS A 18 17.96 -5.06 -7.27
C CYS A 18 17.54 -6.11 -6.25
N PRO A 19 16.96 -5.72 -5.11
CA PRO A 19 16.66 -6.69 -4.06
C PRO A 19 15.44 -7.56 -4.35
N PHE A 20 15.39 -8.17 -5.54
CA PHE A 20 14.27 -9.04 -5.89
C PHE A 20 14.22 -10.28 -5.01
N GLY A 21 15.35 -10.67 -4.42
CA GLY A 21 15.34 -11.81 -3.50
C GLY A 21 14.54 -11.53 -2.25
N GLU A 22 14.65 -10.32 -1.70
CA GLU A 22 13.86 -9.94 -0.54
C GLU A 22 12.36 -10.12 -0.79
N VAL A 23 11.92 -9.93 -2.04
CA VAL A 23 10.50 -10.02 -2.35
C VAL A 23 10.09 -11.46 -2.59
N PHE A 24 10.72 -12.13 -3.56
CA PHE A 24 10.29 -13.46 -3.96
C PHE A 24 10.58 -14.49 -2.87
N ASN A 25 11.65 -14.32 -2.11
CA ASN A 25 12.08 -15.30 -1.13
C ASN A 25 11.84 -14.83 0.30
N ALA A 26 10.93 -13.89 0.51
CA ALA A 26 10.56 -13.48 1.85
C ALA A 26 9.97 -14.65 2.63
N THR A 27 10.26 -14.71 3.93
CA THR A 27 9.73 -15.79 4.75
C THR A 27 8.22 -15.76 4.80
N ARG A 28 7.65 -14.62 5.16
CA ARG A 28 6.20 -14.46 5.29
C ARG A 28 5.68 -13.54 4.20
N PHE A 29 4.54 -13.90 3.63
CA PHE A 29 3.85 -13.08 2.65
C PHE A 29 2.62 -12.45 3.30
N ALA A 30 2.19 -11.34 2.73
CA ALA A 30 1.06 -10.61 3.29
C ALA A 30 -0.27 -11.26 2.90
N SER A 31 -1.28 -11.05 3.73
CA SER A 31 -2.64 -11.35 3.33
C SER A 31 -3.03 -10.45 2.16
N VAL A 32 -3.87 -10.98 1.26
CA VAL A 32 -4.15 -10.26 0.03
C VAL A 32 -4.88 -8.95 0.31
N TYR A 33 -5.73 -8.91 1.33
CA TYR A 33 -6.42 -7.65 1.65
C TYR A 33 -5.45 -6.60 2.15
N ALA A 34 -4.35 -7.01 2.79
CA ALA A 34 -3.33 -6.08 3.25
C ALA A 34 -2.03 -6.31 2.47
N TRP A 35 -2.11 -6.31 1.15
CA TRP A 35 -0.98 -6.69 0.32
C TRP A 35 0.20 -5.74 0.53
N ASN A 36 1.39 -6.26 0.29
CA ASN A 36 2.64 -5.53 0.49
C ASN A 36 3.13 -4.95 -0.83
N ARG A 37 3.76 -3.78 -0.75
CA ARG A 37 4.38 -3.15 -1.90
C ARG A 37 5.77 -2.67 -1.55
N LYS A 38 6.74 -2.97 -2.41
CA LYS A 38 8.09 -2.43 -2.30
C LYS A 38 8.45 -1.77 -3.62
N ARG A 39 8.82 -0.49 -3.57
CA ARG A 39 9.31 0.20 -4.75
C ARG A 39 10.81 0.00 -4.88
N ILE A 40 11.25 -0.30 -6.10
CA ILE A 40 12.63 -0.63 -6.38
C ILE A 40 13.19 0.39 -7.37
N SER A 41 14.36 0.96 -7.05
CA SER A 41 14.96 1.99 -7.89
C SER A 41 16.47 2.03 -7.66
N ASN A 42 17.16 2.69 -8.58
CA ASN A 42 18.60 2.88 -8.53
C ASN A 42 19.34 1.55 -8.33
N CYS A 43 19.09 0.62 -9.24
CA CYS A 43 19.67 -0.72 -9.12
C CYS A 43 19.68 -1.42 -10.47
N VAL A 44 20.51 -2.45 -10.57
CA VAL A 44 20.63 -3.26 -11.78
C VAL A 44 19.74 -4.48 -11.61
N ALA A 45 18.83 -4.67 -12.56
CA ALA A 45 17.84 -5.74 -12.49
C ALA A 45 18.23 -6.86 -13.45
N ASP A 46 18.40 -8.06 -12.90
CA ASP A 46 18.61 -9.26 -13.71
C ASP A 46 17.34 -10.09 -13.58
N TYR A 47 16.43 -9.91 -14.54
CA TYR A 47 15.21 -10.69 -14.55
C TYR A 47 15.43 -12.12 -15.05
N SER A 48 16.64 -12.45 -15.50
CA SER A 48 16.90 -13.79 -16.01
C SER A 48 16.74 -14.85 -14.92
N VAL A 49 17.08 -14.52 -13.68
CA VAL A 49 16.82 -15.44 -12.58
C VAL A 49 15.34 -15.81 -12.52
N LEU A 50 14.48 -14.88 -12.92
CA LEU A 50 13.04 -15.11 -12.83
C LEU A 50 12.53 -15.96 -14.01
N TYR A 51 12.72 -15.46 -15.23
CA TYR A 51 12.11 -16.12 -16.38
C TYR A 51 12.73 -17.48 -16.66
N ASN A 52 14.00 -17.68 -16.27
CA ASN A 52 14.64 -18.97 -16.52
C ASN A 52 14.14 -20.04 -15.56
N SER A 53 13.84 -19.65 -14.32
CA SER A 53 13.45 -20.61 -13.31
C SER A 53 12.18 -21.35 -13.70
N ALA A 54 12.09 -22.61 -13.27
CA ALA A 54 10.95 -23.46 -13.57
C ALA A 54 9.94 -23.53 -12.43
N SER A 55 10.13 -22.73 -11.39
CA SER A 55 9.29 -22.84 -10.20
C SER A 55 7.91 -22.21 -10.39
N PHE A 56 7.80 -21.18 -11.22
CA PHE A 56 6.56 -20.42 -11.32
C PHE A 56 5.55 -21.11 -12.22
N SER A 57 4.30 -21.16 -11.76
CA SER A 57 3.19 -21.68 -12.55
C SER A 57 2.46 -20.59 -13.33
N THR A 58 2.74 -19.33 -13.05
CA THR A 58 2.21 -18.20 -13.80
C THR A 58 3.32 -17.18 -13.98
N PHE A 59 3.49 -16.70 -15.21
CA PHE A 59 4.48 -15.69 -15.55
C PHE A 59 3.96 -14.96 -16.80
N LYS A 60 2.89 -14.19 -16.62
CA LYS A 60 2.25 -13.47 -17.71
C LYS A 60 2.60 -11.99 -17.60
N CYS A 61 3.09 -11.42 -18.70
CA CYS A 61 3.46 -10.02 -18.74
C CYS A 61 2.51 -9.24 -19.64
N TYR A 62 2.45 -7.93 -19.40
CA TYR A 62 1.56 -7.04 -20.12
C TYR A 62 2.34 -5.82 -20.55
N GLY A 63 2.31 -5.51 -21.85
CA GLY A 63 3.05 -4.38 -22.38
C GLY A 63 4.54 -4.59 -22.51
N VAL A 64 5.06 -5.77 -22.14
CA VAL A 64 6.47 -6.10 -22.28
C VAL A 64 6.58 -7.57 -22.65
N SER A 65 7.65 -7.91 -23.36
CA SER A 65 7.94 -9.32 -23.56
C SER A 65 8.85 -9.83 -22.45
N PRO A 66 8.53 -10.97 -21.83
CA PRO A 66 9.38 -11.46 -20.73
C PRO A 66 10.84 -11.63 -21.13
N THR A 67 11.09 -12.05 -22.37
CA THR A 67 12.46 -12.33 -22.81
C THR A 67 13.32 -11.07 -22.85
N LYS A 68 12.73 -9.92 -23.17
CA LYS A 68 13.49 -8.69 -23.38
C LYS A 68 13.57 -7.83 -22.12
N LEU A 69 13.27 -8.38 -20.94
CA LEU A 69 13.23 -7.59 -19.72
C LEU A 69 14.61 -7.03 -19.36
N ASN A 70 15.68 -7.77 -19.63
CA ASN A 70 17.02 -7.27 -19.34
C ASN A 70 17.40 -6.09 -20.23
N ASP A 71 16.75 -5.91 -21.38
CA ASP A 71 17.06 -4.82 -22.29
C ASP A 71 16.34 -3.52 -21.96
N LEU A 72 15.31 -3.56 -21.10
CA LEU A 72 14.49 -2.39 -20.85
C LEU A 72 14.99 -1.61 -19.64
N CYS A 73 14.63 -0.33 -19.59
CA CYS A 73 15.01 0.58 -18.52
C CYS A 73 13.76 1.30 -18.04
N PHE A 74 13.59 1.39 -16.72
CA PHE A 74 12.41 2.02 -16.15
C PHE A 74 12.82 2.98 -15.04
N THR A 75 11.92 3.93 -14.74
CA THR A 75 12.16 4.85 -13.64
C THR A 75 12.04 4.13 -12.30
N ASN A 76 10.97 3.37 -12.12
CA ASN A 76 10.78 2.57 -10.92
C ASN A 76 10.20 1.22 -11.29
N VAL A 77 10.46 0.22 -10.46
CA VAL A 77 9.82 -1.09 -10.53
C VAL A 77 9.16 -1.34 -9.18
N TYR A 78 7.86 -1.67 -9.22
CA TYR A 78 7.09 -1.96 -8.02
C TYR A 78 6.86 -3.45 -7.91
N ALA A 79 7.03 -3.98 -6.70
CA ALA A 79 6.82 -5.39 -6.41
C ALA A 79 5.73 -5.51 -5.37
N ASP A 80 4.55 -5.96 -5.77
CA ASP A 80 3.44 -6.23 -4.87
C ASP A 80 3.33 -7.73 -4.66
N SER A 81 3.22 -8.15 -3.40
CA SER A 81 3.20 -9.56 -3.06
C SER A 81 2.14 -9.85 -2.01
N PHE A 82 1.53 -11.03 -2.13
CA PHE A 82 0.45 -11.48 -1.26
C PHE A 82 0.20 -12.95 -1.55
N VAL A 83 -0.81 -13.52 -0.87
CA VAL A 83 -1.17 -14.92 -1.01
C VAL A 83 -2.65 -15.03 -1.30
N ILE A 84 -2.99 -15.83 -2.32
CA ILE A 84 -4.36 -16.15 -2.68
C ILE A 84 -4.42 -17.63 -2.99
N ARG A 85 -5.63 -18.13 -3.23
CA ARG A 85 -5.72 -19.53 -3.59
C ARG A 85 -5.61 -19.69 -5.10
N GLY A 86 -5.40 -20.93 -5.53
CA GLY A 86 -5.02 -21.17 -6.91
C GLY A 86 -6.05 -20.72 -7.90
N ASP A 87 -7.33 -20.84 -7.55
CA ASP A 87 -8.39 -20.48 -8.49
C ASP A 87 -8.39 -18.98 -8.76
N GLU A 88 -7.79 -18.19 -7.90
CA GLU A 88 -7.94 -16.75 -7.96
C GLU A 88 -6.75 -16.03 -8.59
N VAL A 89 -5.68 -16.77 -8.93
CA VAL A 89 -4.54 -16.17 -9.61
C VAL A 89 -5.02 -15.45 -10.88
N ARG A 90 -6.02 -16.02 -11.55
CA ARG A 90 -6.52 -15.44 -12.79
C ARG A 90 -7.08 -14.04 -12.58
N GLN A 91 -7.58 -13.74 -11.39
CA GLN A 91 -8.13 -12.42 -11.12
C GLN A 91 -7.06 -11.35 -11.10
N ILE A 92 -5.79 -11.76 -10.94
CA ILE A 92 -4.67 -10.85 -10.99
C ILE A 92 -4.31 -10.56 -12.45
N ALA A 93 -5.18 -9.81 -13.12
CA ALA A 93 -5.00 -9.41 -14.51
C ALA A 93 -5.87 -8.20 -14.75
N PRO A 94 -5.47 -7.30 -15.66
CA PRO A 94 -6.32 -6.14 -15.95
C PRO A 94 -7.69 -6.55 -16.47
N GLY A 95 -8.71 -5.77 -16.11
CA GLY A 95 -10.06 -6.00 -16.56
C GLY A 95 -10.80 -7.14 -15.90
N GLN A 96 -10.22 -7.76 -14.87
CA GLN A 96 -10.86 -8.89 -14.22
C GLN A 96 -11.89 -8.42 -13.20
N THR A 97 -12.80 -9.33 -12.85
CA THR A 97 -13.82 -9.09 -11.84
C THR A 97 -13.86 -10.27 -10.89
N GLY A 98 -14.38 -10.03 -9.68
CA GLY A 98 -14.44 -11.05 -8.67
C GLY A 98 -14.07 -10.50 -7.30
N LYS A 99 -14.12 -11.36 -6.27
CA LYS A 99 -13.87 -10.90 -4.91
C LYS A 99 -12.47 -10.33 -4.76
N ILE A 100 -11.46 -10.99 -5.34
CA ILE A 100 -10.09 -10.52 -5.21
C ILE A 100 -9.87 -9.27 -6.05
N ALA A 101 -10.30 -9.29 -7.30
CA ALA A 101 -10.05 -8.15 -8.19
C ALA A 101 -10.85 -6.93 -7.77
N ASP A 102 -12.07 -7.12 -7.27
CA ASP A 102 -12.91 -5.98 -6.91
C ASP A 102 -12.62 -5.47 -5.50
N TYR A 103 -12.36 -6.36 -4.55
CA TYR A 103 -12.32 -5.99 -3.14
C TYR A 103 -10.95 -6.07 -2.49
N ASN A 104 -9.95 -6.67 -3.14
CA ASN A 104 -8.67 -6.90 -2.49
C ASN A 104 -7.50 -6.30 -3.25
N TYR A 105 -7.32 -6.64 -4.52
CA TYR A 105 -6.19 -6.16 -5.30
C TYR A 105 -6.63 -5.95 -6.74
N LYS A 106 -6.51 -4.73 -7.25
CA LYS A 106 -7.04 -4.37 -8.56
C LYS A 106 -5.92 -3.78 -9.42
N LEU A 107 -5.75 -4.33 -10.62
CA LEU A 107 -4.78 -3.83 -11.58
C LEU A 107 -5.43 -2.84 -12.53
N PRO A 108 -4.70 -1.82 -12.97
CA PRO A 108 -5.27 -0.85 -13.89
C PRO A 108 -5.36 -1.42 -15.30
N ASP A 109 -6.14 -0.74 -16.13
CA ASP A 109 -6.30 -1.18 -17.51
C ASP A 109 -5.00 -0.98 -18.31
N ASP A 110 -4.28 0.10 -18.03
CA ASP A 110 -3.00 0.37 -18.69
C ASP A 110 -1.83 -0.28 -17.97
N PHE A 111 -2.03 -1.47 -17.43
CA PHE A 111 -1.01 -2.15 -16.65
C PHE A 111 0.15 -2.58 -17.54
N THR A 112 1.36 -2.16 -17.17
CA THR A 112 2.59 -2.65 -17.78
C THR A 112 3.39 -3.36 -16.71
N GLY A 113 3.56 -4.67 -16.85
CA GLY A 113 4.29 -5.44 -15.87
C GLY A 113 4.04 -6.92 -16.05
N CYS A 114 4.38 -7.69 -15.00
CA CYS A 114 4.27 -9.14 -15.05
C CYS A 114 3.66 -9.66 -13.76
N VAL A 115 2.78 -10.65 -13.90
CA VAL A 115 2.16 -11.34 -12.78
C VAL A 115 2.83 -12.70 -12.64
N ILE A 116 3.44 -12.95 -11.48
CA ILE A 116 4.20 -14.17 -11.22
C ILE A 116 3.60 -14.86 -10.00
N ALA A 117 3.30 -16.15 -10.13
CA ALA A 117 2.66 -16.90 -9.06
C ALA A 117 3.23 -18.31 -9.00
N TRP A 118 3.21 -18.90 -7.81
CA TRP A 118 3.70 -20.26 -7.63
C TRP A 118 3.01 -20.90 -6.42
N ASN A 119 2.78 -22.21 -6.54
CA ASN A 119 2.14 -22.97 -5.47
C ASN A 119 3.00 -22.97 -4.22
N SER A 120 2.40 -22.57 -3.09
CA SER A 120 3.10 -22.47 -1.82
C SER A 120 2.48 -23.37 -0.76
N ASN A 121 1.85 -24.47 -1.19
CA ASN A 121 1.14 -25.35 -0.25
C ASN A 121 2.07 -25.87 0.84
N ASN A 122 3.32 -26.16 0.49
CA ASN A 122 4.27 -26.69 1.46
C ASN A 122 4.68 -25.66 2.50
N LEU A 123 4.48 -24.37 2.22
CA LEU A 123 4.89 -23.30 3.12
C LEU A 123 3.72 -22.65 3.85
N ASP A 124 2.58 -22.49 3.18
CA ASP A 124 1.50 -21.66 3.69
C ASP A 124 0.26 -22.44 4.11
N SER A 125 0.31 -23.77 4.04
CA SER A 125 -0.72 -24.60 4.64
C SER A 125 -0.12 -25.37 5.81
N LYS A 126 -0.98 -25.73 6.76
CA LYS A 126 -0.58 -26.49 7.92
C LYS A 126 -1.65 -27.53 8.21
N VAL A 127 -1.22 -28.66 8.79
CA VAL A 127 -2.17 -29.67 9.24
C VAL A 127 -3.11 -29.04 10.25
N GLY A 128 -4.40 -29.14 9.98
CA GLY A 128 -5.41 -28.46 10.77
C GLY A 128 -5.85 -27.13 10.20
N GLY A 129 -5.07 -26.55 9.30
CA GLY A 129 -5.45 -25.30 8.67
C GLY A 129 -4.56 -24.11 9.02
N ASN A 130 -4.23 -23.30 8.02
CA ASN A 130 -3.60 -22.02 8.24
C ASN A 130 -4.66 -20.94 8.11
N TYR A 131 -4.89 -20.20 9.19
CA TYR A 131 -5.92 -19.18 9.22
C TYR A 131 -5.34 -17.78 9.32
N ASN A 132 -4.04 -17.64 9.08
CA ASN A 132 -3.40 -16.33 9.09
C ASN A 132 -3.66 -15.55 7.81
N TYR A 133 -3.93 -16.25 6.70
CA TYR A 133 -4.16 -15.60 5.42
C TYR A 133 -5.64 -15.27 5.26
N LEU A 134 -5.94 -13.98 5.14
CA LEU A 134 -7.31 -13.50 5.04
C LEU A 134 -7.53 -12.81 3.70
N TYR A 135 -8.80 -12.67 3.35
CA TYR A 135 -9.22 -11.91 2.19
C TYR A 135 -10.52 -11.20 2.53
N ARG A 136 -10.71 -10.01 1.96
CA ARG A 136 -11.96 -9.28 2.13
C ARG A 136 -13.01 -9.86 1.20
N LEU A 137 -14.19 -10.15 1.76
CA LEU A 137 -15.26 -10.79 1.02
C LEU A 137 -16.39 -9.84 0.66
N PHE A 138 -16.54 -8.72 1.36
CA PHE A 138 -17.55 -7.72 1.04
C PHE A 138 -16.93 -6.34 1.05
N ARG A 139 -17.50 -5.44 0.25
CA ARG A 139 -17.12 -4.03 0.27
C ARG A 139 -18.24 -3.23 -0.38
N LYS A 140 -18.39 -1.99 0.07
CA LYS A 140 -19.45 -1.13 -0.45
C LYS A 140 -19.22 -0.74 -1.90
N SER A 141 -17.97 -0.77 -2.36
CA SER A 141 -17.66 -0.42 -3.74
C SER A 141 -16.31 -1.02 -4.11
N ASN A 142 -16.05 -1.08 -5.42
CA ASN A 142 -14.82 -1.67 -5.90
C ASN A 142 -13.61 -0.81 -5.58
N LEU A 143 -12.47 -1.46 -5.36
CA LEU A 143 -11.22 -0.75 -5.18
C LEU A 143 -10.81 -0.06 -6.47
N LYS A 144 -10.18 1.09 -6.33
CA LYS A 144 -9.49 1.70 -7.45
C LYS A 144 -8.20 0.92 -7.73
N PRO A 145 -7.60 1.10 -8.90
CA PRO A 145 -6.34 0.41 -9.18
C PRO A 145 -5.28 0.71 -8.13
N PHE A 146 -4.71 -0.35 -7.56
CA PHE A 146 -3.67 -0.32 -6.54
C PHE A 146 -4.13 0.32 -5.23
N GLU A 147 -5.43 0.51 -5.05
CA GLU A 147 -5.94 0.95 -3.77
C GLU A 147 -5.91 -0.19 -2.77
N ARG A 148 -5.72 0.15 -1.49
CA ARG A 148 -5.66 -0.85 -0.43
C ARG A 148 -6.64 -0.49 0.67
N ASP A 149 -7.38 -1.49 1.15
CA ASP A 149 -8.37 -1.34 2.20
C ASP A 149 -8.04 -2.34 3.30
N ILE A 150 -7.58 -1.83 4.45
CA ILE A 150 -7.25 -2.67 5.59
C ILE A 150 -8.24 -2.48 6.73
N SER A 151 -9.37 -1.83 6.48
CA SER A 151 -10.37 -1.62 7.51
C SER A 151 -11.05 -2.95 7.86
N THR A 152 -11.75 -2.96 9.00
CA THR A 152 -12.34 -4.18 9.54
C THR A 152 -13.71 -3.91 10.14
N GLU A 153 -14.53 -3.12 9.45
CA GLU A 153 -15.85 -2.78 9.95
C GLU A 153 -16.89 -3.78 9.47
N ILE A 154 -17.88 -4.04 10.33
CA ILE A 154 -18.93 -5.00 10.00
C ILE A 154 -19.67 -4.54 8.77
N TYR A 155 -19.86 -5.45 7.81
CA TYR A 155 -20.47 -5.13 6.53
C TYR A 155 -21.97 -5.33 6.60
N GLN A 156 -22.73 -4.33 6.17
CA GLN A 156 -24.19 -4.36 6.21
C GLN A 156 -24.69 -4.86 4.86
N ALA A 157 -25.04 -6.16 4.80
CA ALA A 157 -25.53 -6.77 3.58
C ALA A 157 -27.03 -6.58 3.38
N GLY A 158 -27.74 -6.11 4.40
CA GLY A 158 -29.18 -5.91 4.27
C GLY A 158 -29.60 -4.46 4.43
N SER A 159 -30.86 -4.24 4.81
CA SER A 159 -31.39 -2.90 4.99
C SER A 159 -31.34 -2.43 6.44
N THR A 160 -31.05 -3.33 7.38
CA THR A 160 -31.04 -3.03 8.81
C THR A 160 -29.63 -2.79 9.31
N PRO A 161 -29.44 -1.78 10.16
CA PRO A 161 -28.09 -1.45 10.63
C PRO A 161 -27.50 -2.57 11.47
N CYS A 162 -26.17 -2.64 11.46
CA CYS A 162 -25.43 -3.68 12.16
C CYS A 162 -24.95 -3.24 13.55
N ASN A 163 -24.90 -1.93 13.81
CA ASN A 163 -24.44 -1.39 15.08
C ASN A 163 -23.03 -1.87 15.44
N GLY A 164 -22.26 -2.29 14.44
CA GLY A 164 -20.89 -2.73 14.65
C GLY A 164 -20.73 -4.16 15.08
N VAL A 165 -21.79 -4.96 15.11
CA VAL A 165 -21.72 -6.34 15.58
C VAL A 165 -22.27 -7.27 14.52
N GLU A 166 -21.73 -8.49 14.50
CA GLU A 166 -22.14 -9.50 13.55
C GLU A 166 -23.54 -10.01 13.86
N GLY A 167 -24.23 -10.48 12.82
CA GLY A 167 -25.59 -10.98 12.99
C GLY A 167 -26.20 -11.25 11.63
N PHE A 168 -27.53 -11.25 11.60
CA PHE A 168 -28.25 -11.47 10.35
C PHE A 168 -27.95 -10.34 9.37
N ASN A 169 -27.44 -10.71 8.19
CA ASN A 169 -27.07 -9.76 7.14
C ASN A 169 -26.01 -8.77 7.60
N CYS A 170 -25.21 -9.15 8.60
CA CYS A 170 -24.19 -8.28 9.18
C CYS A 170 -22.94 -9.13 9.39
N TYR A 171 -21.95 -8.97 8.52
CA TYR A 171 -20.84 -9.90 8.42
C TYR A 171 -19.52 -9.23 8.78
N PHE A 172 -18.66 -10.00 9.44
CA PHE A 172 -17.26 -9.64 9.52
C PHE A 172 -16.68 -9.60 8.10
N PRO A 173 -16.00 -8.52 7.71
CA PRO A 173 -15.64 -8.34 6.29
C PRO A 173 -14.51 -9.24 5.82
N LEU A 174 -13.65 -9.73 6.71
CA LEU A 174 -12.52 -10.55 6.32
C LEU A 174 -12.82 -12.02 6.60
N GLN A 175 -12.53 -12.87 5.63
CA GLN A 175 -12.70 -14.31 5.76
C GLN A 175 -11.35 -15.00 5.64
N SER A 176 -11.21 -16.12 6.35
CA SER A 176 -9.96 -16.86 6.35
C SER A 176 -9.94 -17.90 5.23
N TYR A 177 -8.75 -18.17 4.72
CA TYR A 177 -8.60 -19.11 3.62
C TYR A 177 -8.65 -20.57 4.10
N GLY A 178 -8.10 -20.85 5.28
CA GLY A 178 -8.13 -22.18 5.84
C GLY A 178 -7.35 -23.20 5.04
N PHE A 179 -6.09 -22.88 4.74
CA PHE A 179 -5.27 -23.69 3.85
C PHE A 179 -4.89 -24.99 4.54
N GLN A 180 -5.39 -26.12 4.02
CA GLN A 180 -4.98 -27.43 4.49
C GLN A 180 -4.21 -28.14 3.37
N PRO A 181 -3.15 -28.88 3.71
CA PRO A 181 -2.31 -29.49 2.66
C PRO A 181 -3.08 -30.40 1.72
N THR A 182 -4.19 -30.98 2.18
CA THR A 182 -4.97 -31.91 1.37
C THR A 182 -5.98 -31.22 0.47
N ASN A 183 -6.06 -29.90 0.50
CA ASN A 183 -6.99 -29.17 -0.36
C ASN A 183 -6.69 -29.47 -1.82
N GLY A 184 -7.75 -29.43 -2.63
CA GLY A 184 -7.58 -29.49 -4.08
C GLY A 184 -6.67 -28.37 -4.52
N VAL A 185 -5.96 -28.55 -5.63
CA VAL A 185 -4.95 -27.57 -6.03
C VAL A 185 -5.56 -26.20 -6.25
N GLY A 186 -6.82 -26.15 -6.68
CA GLY A 186 -7.50 -24.86 -6.78
C GLY A 186 -7.58 -24.13 -5.46
N TYR A 187 -7.70 -24.87 -4.36
CA TYR A 187 -7.86 -24.29 -3.03
C TYR A 187 -6.56 -24.26 -2.24
N GLN A 188 -5.42 -24.43 -2.90
CA GLN A 188 -4.14 -24.37 -2.23
C GLN A 188 -3.55 -22.97 -2.28
N PRO A 189 -2.68 -22.62 -1.35
CA PRO A 189 -2.12 -21.26 -1.34
C PRO A 189 -1.11 -21.05 -2.45
N TYR A 190 -1.22 -19.90 -3.11
CA TYR A 190 -0.27 -19.48 -4.12
C TYR A 190 0.31 -18.13 -3.71
N ARG A 191 1.62 -18.04 -3.70
CA ARG A 191 2.30 -16.76 -3.48
C ARG A 191 2.39 -16.03 -4.82
N VAL A 192 2.05 -14.74 -4.80
CA VAL A 192 1.98 -13.94 -6.02
C VAL A 192 2.89 -12.73 -5.85
N VAL A 193 3.66 -12.43 -6.89
CA VAL A 193 4.43 -11.19 -6.97
C VAL A 193 4.04 -10.49 -8.25
N VAL A 194 3.54 -9.27 -8.13
CA VAL A 194 3.18 -8.44 -9.28
C VAL A 194 4.28 -7.40 -9.45
N LEU A 195 4.94 -7.42 -10.60
CA LEU A 195 5.97 -6.45 -10.94
C LEU A 195 5.35 -5.41 -11.86
N SER A 196 5.43 -4.13 -11.47
CA SER A 196 4.96 -3.03 -12.28
C SER A 196 6.14 -2.21 -12.76
N PHE A 197 6.21 -1.97 -14.07
CA PHE A 197 7.32 -1.25 -14.68
C PHE A 197 6.84 0.17 -15.00
N GLU A 198 7.39 1.15 -14.28
CA GLU A 198 6.98 2.54 -14.43
C GLU A 198 7.99 3.26 -15.32
N LEU A 199 7.52 3.73 -16.48
CA LEU A 199 8.34 4.46 -17.44
C LEU A 199 7.81 5.88 -17.51
N LEU A 200 8.67 6.85 -17.20
CA LEU A 200 8.29 8.24 -17.14
C LEU A 200 9.25 9.09 -17.96
N HIS A 201 8.85 10.35 -18.18
CA HIS A 201 9.74 11.36 -18.75
C HIS A 201 10.71 11.82 -17.66
N ALA A 202 11.58 10.89 -17.26
CA ALA A 202 12.52 11.10 -16.17
C ALA A 202 13.63 10.07 -16.32
N PRO A 203 14.79 10.29 -15.69
CA PRO A 203 15.90 9.34 -15.83
C PRO A 203 15.52 7.95 -15.32
N ALA A 204 15.74 6.95 -16.16
CA ALA A 204 15.54 5.57 -15.74
C ALA A 204 16.58 5.20 -14.70
N THR A 205 16.16 4.46 -13.68
CA THR A 205 17.05 4.05 -12.61
C THR A 205 17.10 2.55 -12.39
N VAL A 206 16.37 1.77 -13.18
CA VAL A 206 16.40 0.31 -13.09
C VAL A 206 16.58 -0.23 -14.50
N CYS A 207 17.77 -0.77 -14.79
CA CYS A 207 18.10 -1.32 -16.08
C CYS A 207 18.68 -2.72 -15.90
N GLY A 208 18.79 -3.45 -17.01
CA GLY A 208 19.44 -4.72 -17.00
C GLY A 208 20.95 -4.58 -16.93
N PRO A 209 21.64 -5.73 -16.86
CA PRO A 209 23.11 -5.78 -16.77
C PRO A 209 23.83 -5.02 -17.88
N GLN B 1 15.15 14.91 -4.98
CA GLN B 1 14.23 15.36 -6.02
C GLN B 1 13.03 16.08 -5.43
N VAL B 2 12.55 15.59 -4.28
CA VAL B 2 11.42 16.18 -3.58
C VAL B 2 11.92 16.81 -2.28
N GLN B 3 11.64 18.09 -2.10
CA GLN B 3 11.94 18.80 -0.87
C GLN B 3 10.64 19.07 -0.12
N LEU B 4 10.58 18.66 1.14
CA LEU B 4 9.39 18.79 1.97
C LEU B 4 9.70 19.73 3.13
N VAL B 5 8.80 20.68 3.39
CA VAL B 5 8.98 21.69 4.43
C VAL B 5 7.69 21.78 5.23
N GLU B 6 7.73 21.37 6.49
CA GLU B 6 6.58 21.43 7.38
C GLU B 6 6.51 22.79 8.06
N SER B 7 5.33 23.09 8.62
CA SER B 7 5.11 24.32 9.37
C SER B 7 3.78 24.20 10.10
N GLY B 8 3.64 25.00 11.16
CA GLY B 8 2.40 25.06 11.91
C GLY B 8 2.45 24.44 13.29
N GLY B 9 3.58 23.90 13.71
CA GLY B 9 3.68 23.33 15.03
C GLY B 9 3.67 24.39 16.12
N GLY B 10 3.62 23.92 17.37
CA GLY B 10 3.67 24.83 18.49
C GLY B 10 3.10 24.20 19.75
N LEU B 11 2.87 25.05 20.74
CA LEU B 11 2.32 24.66 22.03
C LEU B 11 0.82 24.91 22.05
N VAL B 12 0.07 23.97 22.63
N VAL B 12 0.08 23.95 22.62
CA VAL B 12 -1.38 24.08 22.65
CA VAL B 12 -1.38 23.95 22.63
C VAL B 12 -1.92 23.31 23.84
C VAL B 12 -1.84 23.36 23.96
N GLN B 13 -3.00 23.82 24.44
CA GLN B 13 -3.64 23.17 25.57
C GLN B 13 -4.38 21.91 25.13
N ALA B 14 -4.46 20.94 26.04
CA ALA B 14 -5.26 19.74 25.80
C ALA B 14 -6.70 20.12 25.46
N GLY B 15 -7.17 19.60 24.33
CA GLY B 15 -8.47 19.96 23.80
C GLY B 15 -8.42 20.95 22.66
N GLY B 16 -7.31 21.66 22.49
CA GLY B 16 -7.17 22.66 21.45
C GLY B 16 -6.93 22.05 20.09
N SER B 17 -6.59 22.92 19.14
CA SER B 17 -6.47 22.54 17.74
C SER B 17 -5.20 23.11 17.13
N LEU B 18 -4.77 22.47 16.04
CA LEU B 18 -3.54 22.81 15.34
C LEU B 18 -3.69 22.35 13.89
N ARG B 19 -3.09 23.12 12.97
N ARG B 19 -3.12 23.13 12.96
CA ARG B 19 -3.14 22.80 11.55
CA ARG B 19 -3.13 22.78 11.56
C ARG B 19 -1.71 22.86 10.99
C ARG B 19 -1.71 22.85 11.03
N LEU B 20 -1.20 21.71 10.57
CA LEU B 20 0.13 21.61 10.00
C LEU B 20 0.04 21.70 8.48
N SER B 21 1.03 22.35 7.87
CA SER B 21 1.16 22.41 6.43
C SER B 21 2.49 21.81 6.01
N CYS B 22 2.51 21.17 4.85
CA CYS B 22 3.74 20.68 4.25
C CYS B 22 3.69 20.92 2.75
N SER B 23 4.65 21.67 2.24
CA SER B 23 4.75 21.96 0.82
C SER B 23 5.88 21.14 0.21
N ALA B 24 5.66 20.66 -1.02
CA ALA B 24 6.60 19.77 -1.70
C ALA B 24 7.13 20.47 -2.95
N SER B 25 8.44 20.64 -3.02
CA SER B 25 9.11 21.23 -4.17
C SER B 25 9.63 20.11 -5.07
N GLY B 26 9.21 20.12 -6.33
CA GLY B 26 9.62 19.09 -7.27
C GLY B 26 8.45 18.50 -8.03
N GLY B 27 8.66 18.20 -9.32
CA GLY B 27 7.61 17.58 -10.12
C GLY B 27 7.28 16.17 -9.69
N THR B 28 8.23 15.47 -9.07
CA THR B 28 7.99 14.11 -8.57
C THR B 28 6.87 14.08 -7.54
N ALA B 29 6.58 15.22 -6.89
CA ALA B 29 5.58 15.24 -5.83
C ALA B 29 4.19 14.89 -6.33
N SER B 30 3.86 15.25 -7.58
CA SER B 30 2.51 15.03 -8.08
C SER B 30 2.19 13.54 -8.25
N ARG B 31 3.19 12.73 -8.56
CA ARG B 31 3.03 11.28 -8.68
C ARG B 31 3.45 10.54 -7.42
N SER B 32 3.34 11.20 -6.27
CA SER B 32 3.76 10.63 -5.00
C SER B 32 2.60 10.66 -4.01
N ALA B 33 2.41 9.55 -3.31
CA ALA B 33 1.61 9.59 -2.10
C ALA B 33 2.32 10.43 -1.05
N MET B 34 1.54 11.10 -0.21
CA MET B 34 2.09 11.96 0.83
C MET B 34 1.39 11.67 2.14
N GLY B 35 2.13 11.78 3.24
CA GLY B 35 1.59 11.41 4.52
C GLY B 35 2.25 12.15 5.66
N TRP B 36 1.76 11.89 6.87
CA TRP B 36 2.26 12.47 8.10
C TRP B 36 2.69 11.36 9.04
N PHE B 37 3.86 11.51 9.63
CA PHE B 37 4.33 10.64 10.69
C PHE B 37 4.60 11.50 11.92
N ARG B 38 4.73 10.86 13.07
CA ARG B 38 5.13 11.56 14.28
C ARG B 38 6.09 10.69 15.06
N GLN B 39 6.95 11.34 15.85
CA GLN B 39 7.96 10.65 16.66
C GLN B 39 8.01 11.32 18.02
N ALA B 40 7.50 10.63 19.03
CA ALA B 40 7.62 11.06 20.41
C ALA B 40 9.03 10.79 20.91
N PRO B 41 9.45 11.41 22.01
CA PRO B 41 10.80 11.17 22.53
C PRO B 41 11.02 9.71 22.89
N GLY B 42 12.16 9.17 22.45
CA GLY B 42 12.50 7.80 22.76
C GLY B 42 11.69 6.75 22.05
N LYS B 43 11.00 7.11 20.97
CA LYS B 43 10.19 6.15 20.23
C LYS B 43 10.53 6.24 18.74
N GLU B 44 10.20 5.18 18.02
CA GLU B 44 10.39 5.17 16.58
C GLU B 44 9.30 5.96 15.89
N ARG B 45 9.56 6.32 14.63
CA ARG B 45 8.60 7.06 13.83
C ARG B 45 7.39 6.18 13.53
N GLU B 46 6.19 6.74 13.68
CA GLU B 46 4.96 5.98 13.48
C GLU B 46 3.98 6.77 12.63
N PHE B 47 3.16 6.01 11.88
CA PHE B 47 2.25 6.57 10.89
C PHE B 47 1.12 7.35 11.56
N VAL B 48 0.71 8.45 10.91
CA VAL B 48 -0.40 9.26 11.40
C VAL B 48 -1.50 9.28 10.36
N ALA B 49 -1.19 9.77 9.16
CA ALA B 49 -2.17 9.85 8.08
C ALA B 49 -1.44 9.88 6.75
N GLY B 50 -2.14 9.42 5.71
CA GLY B 50 -1.59 9.42 4.36
C GLY B 50 -2.68 9.69 3.35
N ILE B 51 -2.26 10.13 2.17
CA ILE B 51 -3.17 10.51 1.10
C ILE B 51 -2.55 10.11 -0.23
N SER B 52 -3.40 9.69 -1.17
CA SER B 52 -2.92 9.12 -2.43
C SER B 52 -2.39 10.21 -3.36
N ARG B 53 -1.69 9.78 -4.40
CA ARG B 53 -1.12 10.70 -5.37
C ARG B 53 -2.21 11.29 -6.26
N ARG B 54 -1.80 12.29 -7.05
CA ARG B 54 -2.69 12.83 -8.08
C ARG B 54 -2.80 11.86 -9.24
N ASN B 55 -4.02 11.55 -9.64
CA ASN B 55 -4.28 10.60 -10.72
C ASN B 55 -5.13 11.27 -11.78
N SER B 56 -4.60 11.31 -13.01
CA SER B 56 -5.25 12.03 -14.10
C SER B 56 -6.59 11.40 -14.47
N GLY B 57 -7.58 12.26 -14.74
CA GLY B 57 -8.88 11.80 -15.15
C GLY B 57 -9.80 11.35 -14.04
N SER B 58 -9.38 11.46 -12.78
CA SER B 58 -10.23 11.09 -11.65
C SER B 58 -10.08 12.12 -10.55
N THR B 59 -11.18 12.34 -9.82
CA THR B 59 -11.18 13.17 -8.63
C THR B 59 -11.16 12.34 -7.34
N TYR B 60 -11.21 11.02 -7.46
CA TYR B 60 -11.22 10.17 -6.28
C TYR B 60 -9.90 10.25 -5.53
N VAL B 61 -9.99 10.35 -4.21
CA VAL B 61 -8.83 10.46 -3.35
C VAL B 61 -8.91 9.38 -2.28
N ALA B 62 -7.87 8.57 -2.18
CA ALA B 62 -7.75 7.57 -1.12
C ALA B 62 -6.91 8.14 0.01
N ASP B 63 -7.30 7.86 1.25
CA ASP B 63 -6.53 8.24 2.42
C ASP B 63 -6.46 7.06 3.38
N SER B 64 -5.65 7.24 4.42
CA SER B 64 -5.43 6.21 5.43
C SER B 64 -5.05 6.91 6.72
N TYR B 65 -5.45 6.32 7.85
CA TYR B 65 -5.26 6.95 9.14
C TYR B 65 -4.80 5.94 10.18
N GLU B 66 -3.98 6.42 11.11
CA GLU B 66 -3.76 5.70 12.35
C GLU B 66 -5.04 5.76 13.19
N ASP B 67 -5.43 4.62 13.75
CA ASP B 67 -6.75 4.50 14.37
C ASP B 67 -6.93 5.49 15.52
N SER B 68 -5.88 5.71 16.31
CA SER B 68 -6.02 6.57 17.48
C SER B 68 -6.16 8.05 17.14
N VAL B 69 -6.07 8.43 15.87
CA VAL B 69 -6.30 9.81 15.46
C VAL B 69 -7.48 9.94 14.50
N LYS B 70 -8.19 8.85 14.20
CA LYS B 70 -9.38 8.92 13.36
C LYS B 70 -10.36 9.93 13.93
N GLY B 71 -10.93 10.75 13.05
CA GLY B 71 -11.93 11.72 13.46
C GLY B 71 -11.34 12.98 14.04
N ARG B 72 -10.34 12.84 14.92
CA ARG B 72 -9.67 14.02 15.46
C ARG B 72 -8.79 14.68 14.40
N PHE B 73 -8.04 13.88 13.65
CA PHE B 73 -7.10 14.39 12.66
C PHE B 73 -7.66 14.17 11.26
N THR B 74 -7.38 15.11 10.36
CA THR B 74 -7.80 15.00 8.96
C THR B 74 -6.64 15.41 8.07
N ILE B 75 -6.32 14.57 7.09
CA ILE B 75 -5.34 14.89 6.07
C ILE B 75 -6.08 15.36 4.83
N SER B 76 -5.51 16.37 4.15
CA SER B 76 -6.07 16.89 2.93
C SER B 76 -4.92 17.31 2.02
N ARG B 77 -5.19 17.33 0.72
CA ARG B 77 -4.19 17.65 -0.29
C ARG B 77 -4.70 18.79 -1.15
N ASP B 78 -3.86 19.80 -1.36
CA ASP B 78 -4.27 20.95 -2.17
C ASP B 78 -4.27 20.60 -3.65
N ASN B 79 -5.27 21.12 -4.36
CA ASN B 79 -5.38 20.93 -5.79
C ASN B 79 -4.34 21.78 -6.52
N ALA B 80 -3.39 21.12 -7.19
CA ALA B 80 -2.42 21.78 -8.07
C ALA B 80 -1.51 22.74 -7.31
N LYS B 81 -1.30 22.50 -6.01
CA LYS B 81 -0.23 23.16 -5.27
C LYS B 81 0.72 22.16 -4.62
N ASN B 82 0.40 20.86 -4.57
CA ASN B 82 1.24 19.84 -3.97
C ASN B 82 1.61 20.17 -2.52
N THR B 83 0.63 20.68 -1.80
CA THR B 83 0.75 20.94 -0.37
C THR B 83 -0.29 20.08 0.35
N ILE B 84 0.12 19.46 1.45
CA ILE B 84 -0.79 18.67 2.26
C ILE B 84 -0.94 19.33 3.62
N TYR B 85 -2.09 19.11 4.24
CA TYR B 85 -2.43 19.69 5.52
C TYR B 85 -2.85 18.57 6.46
N LEU B 86 -2.61 18.80 7.76
CA LEU B 86 -3.07 17.89 8.81
C LEU B 86 -3.82 18.73 9.83
N GLN B 87 -5.15 18.69 9.75
CA GLN B 87 -5.99 19.38 10.73
C GLN B 87 -6.11 18.51 11.97
N MET B 88 -5.69 19.07 13.12
CA MET B 88 -5.51 18.31 14.36
C MET B 88 -6.44 18.87 15.42
N ASN B 89 -7.54 18.17 15.69
CA ASN B 89 -8.51 18.59 16.68
C ASN B 89 -8.43 17.69 17.91
N SER B 90 -8.96 18.20 19.02
CA SER B 90 -9.07 17.46 20.28
C SER B 90 -7.73 16.85 20.68
N LEU B 91 -6.72 17.72 20.77
CA LEU B 91 -5.38 17.26 21.05
C LEU B 91 -5.24 16.82 22.49
N LYS B 92 -4.51 15.73 22.68
CA LYS B 92 -4.20 15.17 24.00
C LYS B 92 -2.72 15.31 24.28
N PRO B 93 -2.31 15.28 25.56
CA PRO B 93 -0.87 15.34 25.87
C PRO B 93 -0.07 14.27 25.14
N GLU B 94 -0.64 13.09 24.95
CA GLU B 94 0.05 11.99 24.29
C GLU B 94 0.23 12.22 22.79
N ASP B 95 -0.32 13.29 22.24
CA ASP B 95 -0.08 13.67 20.85
C ASP B 95 1.22 14.45 20.68
N THR B 96 1.90 14.75 21.78
CA THR B 96 3.17 15.49 21.70
C THR B 96 4.22 14.66 20.98
N ALA B 97 4.85 15.25 19.97
CA ALA B 97 5.86 14.59 19.16
C ALA B 97 6.38 15.59 18.14
N VAL B 98 7.46 15.19 17.45
CA VAL B 98 7.86 15.84 16.21
C VAL B 98 7.03 15.24 15.08
N TYR B 99 6.38 16.09 14.31
CA TYR B 99 5.53 15.65 13.21
C TYR B 99 6.26 15.82 11.89
N TYR B 100 6.43 14.72 11.17
CA TYR B 100 7.18 14.70 9.92
C TYR B 100 6.24 14.57 8.73
N CYS B 101 6.55 15.31 7.67
CA CYS B 101 5.90 15.14 6.38
C CYS B 101 6.75 14.21 5.52
N ALA B 102 6.09 13.39 4.71
CA ALA B 102 6.77 12.40 3.89
C ALA B 102 6.10 12.30 2.53
N ALA B 103 6.88 11.85 1.54
CA ALA B 103 6.40 11.69 0.18
C ALA B 103 7.02 10.44 -0.43
N GLU B 104 6.22 9.71 -1.20
CA GLU B 104 6.70 8.48 -1.82
C GLU B 104 6.09 8.27 -3.20
N PRO B 105 6.93 8.20 -4.24
CA PRO B 105 6.42 7.83 -5.56
C PRO B 105 5.77 6.45 -5.52
N THR B 106 4.59 6.35 -6.14
CA THR B 106 3.85 5.10 -6.15
C THR B 106 2.86 5.14 -7.30
N LEU B 107 2.23 3.99 -7.55
CA LEU B 107 1.27 3.84 -8.63
C LEU B 107 -0.15 3.74 -8.08
N GLY B 108 -1.08 4.29 -8.85
CA GLY B 108 -2.49 4.16 -8.52
C GLY B 108 -2.87 4.87 -7.24
N TRP B 109 -3.78 4.26 -6.48
CA TRP B 109 -4.35 4.84 -5.29
C TRP B 109 -3.76 4.25 -4.01
N TYR B 110 -2.53 3.75 -4.09
CA TYR B 110 -1.90 3.15 -2.93
C TYR B 110 -1.43 4.20 -1.94
N VAL B 111 -1.69 3.95 -0.66
CA VAL B 111 -1.18 4.79 0.42
C VAL B 111 -0.29 3.94 1.31
N PRO B 112 1.02 4.12 1.29
CA PRO B 112 1.89 3.36 2.19
C PRO B 112 1.75 3.83 3.63
N ARG B 113 2.14 2.95 4.55
CA ARG B 113 1.92 3.19 5.97
C ARG B 113 3.17 3.04 6.84
N ARG B 114 4.21 2.37 6.38
CA ARG B 114 5.44 2.24 7.15
C ARG B 114 6.42 3.34 6.76
N SER B 115 7.21 3.77 7.75
CA SER B 115 8.19 4.84 7.51
C SER B 115 9.26 4.40 6.52
N VAL B 116 9.59 3.10 6.50
CA VAL B 116 10.57 2.60 5.54
C VAL B 116 10.02 2.53 4.13
N GLU B 117 8.73 2.83 3.92
CA GLU B 117 8.11 2.80 2.60
C GLU B 117 7.97 4.18 1.98
N TYR B 118 8.46 5.22 2.64
CA TYR B 118 8.49 6.57 2.11
C TYR B 118 9.95 6.98 1.92
N GLU B 119 10.28 7.52 0.75
CA GLU B 119 11.66 7.91 0.48
C GLU B 119 11.99 9.31 1.01
N TYR B 120 11.10 10.27 0.82
CA TYR B 120 11.40 11.68 1.06
C TYR B 120 10.78 12.14 2.37
N TRP B 121 11.55 12.93 3.13
CA TRP B 121 11.14 13.36 4.45
C TRP B 121 11.44 14.83 4.66
N GLY B 122 10.56 15.50 5.40
CA GLY B 122 10.84 16.83 5.88
C GLY B 122 11.73 16.79 7.12
N GLN B 123 11.99 17.97 7.66
CA GLN B 123 12.83 18.07 8.84
C GLN B 123 12.05 17.91 10.14
N GLY B 124 10.74 18.08 10.11
CA GLY B 124 9.91 17.91 11.28
C GLY B 124 9.46 19.23 11.87
N THR B 125 8.31 19.21 12.54
CA THR B 125 7.82 20.35 13.30
C THR B 125 7.33 19.84 14.65
N GLN B 126 7.65 20.58 15.71
CA GLN B 126 7.37 20.14 17.06
C GLN B 126 5.95 20.52 17.47
N VAL B 127 5.23 19.56 18.03
CA VAL B 127 3.90 19.79 18.59
C VAL B 127 3.96 19.38 20.05
N THR B 128 3.60 20.31 20.94
CA THR B 128 3.61 20.08 22.38
C THR B 128 2.23 20.40 22.93
N VAL B 129 1.66 19.47 23.69
CA VAL B 129 0.31 19.62 24.24
C VAL B 129 0.41 19.62 25.75
N SER B 130 -0.16 20.65 26.38
CA SER B 130 -0.10 20.82 27.82
C SER B 130 -1.43 20.43 28.47
N SER B 131 -1.37 20.20 29.78
CA SER B 131 -2.55 19.82 30.55
C SER B 131 -2.38 20.33 31.97
N ALA B 132 -3.32 21.15 32.42
CA ALA B 132 -3.28 21.72 33.75
C ALA B 132 -3.27 20.66 34.85
C1 NAG C . 15.14 -17.38 -4.27
C2 NAG C . 15.91 -16.72 -5.42
C3 NAG C . 16.35 -17.75 -6.46
C4 NAG C . 17.04 -18.93 -5.80
C5 NAG C . 16.17 -19.50 -4.70
C6 NAG C . 16.84 -20.61 -3.92
C7 NAG C . 15.52 -14.45 -6.28
C8 NAG C . 14.54 -13.53 -6.95
N2 NAG C . 15.10 -15.70 -6.06
O3 NAG C . 17.22 -17.15 -7.41
O4 NAG C . 17.28 -19.95 -6.78
O5 NAG C . 15.91 -18.45 -3.75
O6 NAG C . 17.75 -20.07 -2.98
O7 NAG C . 16.65 -14.07 -5.95
C1 NAG C . 18.70 -20.14 -6.95
C2 NAG C . 18.91 -21.52 -7.56
C3 NAG C . 20.39 -21.76 -7.80
C4 NAG C . 20.96 -20.65 -8.68
C5 NAG C . 20.69 -19.30 -8.02
C6 NAG C . 21.12 -18.13 -8.87
C7 NAG C . 17.18 -23.15 -6.97
C8 NAG C . 16.77 -24.22 -6.00
N2 NAG C . 18.36 -22.56 -6.71
O3 NAG C . 20.58 -23.03 -8.44
O4 NAG C . 22.36 -20.83 -8.83
O5 NAG C . 19.27 -19.14 -7.80
O6 NAG C . 20.28 -17.99 -10.01
O7 NAG C . 16.50 -22.83 -7.93
C1 FUC C . 18.75 -21.05 -2.63
C2 FUC C . 20.10 -20.36 -2.74
C3 FUC C . 20.13 -19.17 -1.79
C4 FUC C . 19.87 -19.64 -0.36
C5 FUC C . 18.55 -20.42 -0.33
C6 FUC C . 18.24 -21.05 1.01
O2 FUC C . 20.38 -19.96 -4.06
O3 FUC C . 21.40 -18.53 -1.83
O4 FUC C . 20.93 -20.50 0.06
O5 FUC C . 18.55 -21.48 -1.32
#